data_5LDA
#
_entry.id   5LDA
#
_cell.length_a   47.110
_cell.length_b   37.233
_cell.length_c   59.528
_cell.angle_alpha   90.00
_cell.angle_beta   97.30
_cell.angle_gamma   90.00
#
_symmetry.space_group_name_H-M   'P 1 21 1'
#
loop_
_entity.id
_entity.type
_entity.pdbx_description
1 polymer JAMM1
2 polymer SAMP2
3 non-polymer 'ZINC ION'
4 non-polymer GLYCEROL
5 water water
#
loop_
_entity_poly.entity_id
_entity_poly.type
_entity_poly.pdbx_seq_one_letter_code
_entity_poly.pdbx_strand_id
1 'polypeptide(L)'
;(MSE)STLIIPQHYLRAILKVVSSSSVEVCGFLFGKENRVLKVRFIRNRLNSPVEFE(MSE)DPEE(MSE)LKALEEAEQ
ENLEVVGIFHSHIACPPIPSGKDLEG(MSE)KRWPVIWLIVNEKGEYKAWILSEKNKISEVKIVVE
;
A
2 'polypeptide(L)'
;(MSE)K(MSE)IKVKVIGRNIEKEIEWREG(MSE)KVRDILRAVGFNTESAIAKVNGKVVLEDDEVKDGDFVEVIPVVSG
G
;
B
#
# COMPACT_ATOMS: atom_id res chain seq x y z
N SER A 2 9.18 -10.95 -10.26
CA SER A 2 8.71 -12.27 -10.68
C SER A 2 8.42 -13.22 -9.54
N THR A 3 8.98 -12.97 -8.35
CA THR A 3 8.80 -13.92 -7.26
C THR A 3 8.94 -13.20 -5.92
N LEU A 4 8.08 -13.56 -4.97
CA LEU A 4 8.08 -12.97 -3.64
C LEU A 4 8.73 -13.93 -2.65
N ILE A 5 9.71 -13.44 -1.89
CA ILE A 5 10.38 -14.21 -0.85
C ILE A 5 9.94 -13.63 0.49
N ILE A 6 9.22 -14.42 1.28
CA ILE A 6 8.68 -13.93 2.54
C ILE A 6 8.97 -14.95 3.64
N PRO A 7 9.51 -14.52 4.78
CA PRO A 7 9.77 -15.47 5.88
C PRO A 7 8.49 -16.11 6.38
N GLN A 8 8.59 -17.39 6.74
CA GLN A 8 7.44 -18.17 7.18
C GLN A 8 6.74 -17.52 8.37
N HIS A 9 7.50 -17.01 9.35
CA HIS A 9 6.85 -16.52 10.56
C HIS A 9 6.03 -15.26 10.28
N TYR A 10 6.44 -14.45 9.30
CA TYR A 10 5.63 -13.31 8.91
C TYR A 10 4.35 -13.77 8.20
N LEU A 11 4.46 -14.72 7.27
CA LEU A 11 3.29 -15.18 6.55
C LEU A 11 2.31 -15.86 7.49
N ARG A 12 2.82 -16.69 8.40
CA ARG A 12 1.95 -17.35 9.37
C ARG A 12 1.24 -16.34 10.27
N ALA A 13 1.94 -15.27 10.66
CA ALA A 13 1.31 -14.26 11.51
C ALA A 13 0.21 -13.53 10.76
N ILE A 14 0.44 -13.19 9.49
CA ILE A 14 -0.59 -12.51 8.72
C ILE A 14 -1.83 -13.39 8.62
N LEU A 15 -1.65 -14.67 8.32
CA LEU A 15 -2.78 -15.57 8.19
C LEU A 15 -3.53 -15.72 9.52
N LYS A 16 -2.81 -15.70 10.65
CA LYS A 16 -3.48 -15.84 11.94
C LYS A 16 -4.31 -14.61 12.26
N VAL A 17 -3.74 -13.42 12.07
CA VAL A 17 -4.50 -12.19 12.25
C VAL A 17 -5.73 -12.18 11.35
N VAL A 18 -5.58 -12.63 10.10
CA VAL A 18 -6.71 -12.64 9.19
C VAL A 18 -7.76 -13.65 9.64
N SER A 19 -7.33 -14.82 10.10
CA SER A 19 -8.27 -15.89 10.43
C SER A 19 -9.30 -15.48 11.47
N SER A 20 -8.99 -14.50 12.33
CA SER A 20 -9.90 -14.10 13.39
C SER A 20 -10.44 -12.69 13.22
N SER A 21 -10.17 -12.04 12.09
CA SER A 21 -10.67 -10.70 11.84
C SER A 21 -12.00 -10.76 11.10
N SER A 22 -12.93 -9.91 11.52
CA SER A 22 -14.20 -9.76 10.82
C SER A 22 -14.15 -8.70 9.72
N VAL A 23 -13.04 -7.97 9.60
CA VAL A 23 -12.87 -6.95 8.58
C VAL A 23 -11.60 -7.24 7.81
N GLU A 24 -11.49 -6.63 6.63
CA GLU A 24 -10.29 -6.79 5.83
C GLU A 24 -9.08 -6.20 6.56
N VAL A 25 -7.95 -6.92 6.47
CA VAL A 25 -6.67 -6.48 7.03
C VAL A 25 -5.82 -5.96 5.88
N CYS A 26 -4.91 -5.03 6.19
CA CYS A 26 -4.02 -4.49 5.16
C CYS A 26 -2.71 -4.04 5.81
N GLY A 27 -1.65 -3.97 4.99
CA GLY A 27 -0.35 -3.56 5.51
C GLY A 27 0.71 -3.54 4.42
N PHE A 28 1.94 -3.29 4.85
CA PHE A 28 3.10 -3.17 3.98
C PHE A 28 4.06 -4.34 4.18
N LEU A 29 4.72 -4.70 3.09
CA LEU A 29 5.87 -5.60 3.10
C LEU A 29 7.10 -4.78 2.74
N PHE A 30 8.02 -4.62 3.68
CA PHE A 30 9.24 -3.84 3.47
C PHE A 30 10.44 -4.78 3.32
N GLY A 31 11.41 -4.35 2.52
CA GLY A 31 12.60 -5.18 2.32
C GLY A 31 13.49 -4.66 1.20
N LYS A 32 14.18 -5.59 0.57
CA LYS A 32 15.13 -5.28 -0.51
C LYS A 32 14.78 -6.12 -1.73
N GLU A 33 14.60 -5.46 -2.87
CA GLU A 33 14.27 -6.16 -4.09
C GLU A 33 12.95 -6.89 -3.94
N ASN A 34 12.97 -8.21 -3.95
CA ASN A 34 11.76 -9.02 -3.86
C ASN A 34 11.61 -9.73 -2.53
N ARG A 35 12.41 -9.38 -1.53
CA ARG A 35 12.53 -10.14 -0.30
C ARG A 35 12.01 -9.34 0.88
N VAL A 36 11.14 -9.95 1.67
CA VAL A 36 10.49 -9.29 2.79
C VAL A 36 11.37 -9.41 4.03
N LEU A 37 11.74 -8.27 4.61
CA LEU A 37 12.52 -8.20 5.83
C LEU A 37 11.75 -7.66 7.02
N LYS A 38 10.63 -7.00 6.79
CA LYS A 38 9.82 -6.37 7.83
C LYS A 38 8.38 -6.28 7.33
N VAL A 39 7.43 -6.35 8.26
CA VAL A 39 6.00 -6.25 7.96
C VAL A 39 5.39 -5.22 8.90
N ARG A 40 4.45 -4.43 8.36
CA ARG A 40 3.72 -3.44 9.15
C ARG A 40 2.25 -3.54 8.81
N PHE A 41 1.44 -3.90 9.79
CA PHE A 41 -0.01 -3.86 9.64
C PHE A 41 -0.47 -2.42 9.75
N ILE A 42 -1.50 -2.06 8.99
CA ILE A 42 -2.03 -0.70 8.97
C ILE A 42 -3.54 -0.75 9.17
N ARG A 43 -4.05 0.17 9.99
CA ARG A 43 -5.48 0.23 10.28
C ARG A 43 -6.26 0.38 8.99
N ASN A 44 -7.31 -0.44 8.85
CA ASN A 44 -8.27 -0.30 7.75
C ASN A 44 -9.35 0.66 8.21
N ARG A 45 -9.27 1.91 7.73
CA ARG A 45 -10.16 2.95 8.23
C ARG A 45 -11.60 2.77 7.79
N LEU A 46 -11.87 1.89 6.83
CA LEU A 46 -13.25 1.57 6.47
C LEU A 46 -13.88 0.55 7.41
N ASN A 47 -13.06 -0.18 8.17
CA ASN A 47 -13.53 -1.15 9.15
C ASN A 47 -14.54 -2.12 8.53
N SER A 48 -14.20 -2.61 7.33
CA SER A 48 -15.19 -3.27 6.46
C SER A 48 -14.76 -4.66 6.07
N PRO A 49 -15.70 -5.62 5.98
CA PRO A 49 -15.34 -6.95 5.48
C PRO A 49 -15.14 -7.03 3.97
N VAL A 50 -15.44 -5.98 3.22
CA VAL A 50 -15.43 -6.06 1.76
C VAL A 50 -14.51 -5.06 1.09
N GLU A 51 -13.99 -4.07 1.82
CA GLU A 51 -13.06 -3.13 1.22
C GLU A 51 -12.06 -2.69 2.29
N PHE A 52 -10.94 -2.12 1.83
CA PHE A 52 -9.97 -1.55 2.75
C PHE A 52 -9.42 -0.24 2.20
N GLU A 53 -9.05 0.64 3.12
CA GLU A 53 -8.32 1.87 2.86
C GLU A 53 -7.42 2.11 4.05
N ASP A 55 -5.36 3.87 6.95
CA ASP A 55 -5.27 5.09 7.72
C ASP A 55 -4.10 5.91 7.17
N PRO A 56 -4.33 7.14 6.69
CA PRO A 56 -3.22 7.86 6.05
C PRO A 56 -2.08 8.19 6.99
N GLU A 57 -2.38 8.55 8.24
CA GLU A 57 -1.33 8.88 9.20
C GLU A 57 -0.47 7.67 9.51
N GLU A 58 -1.11 6.53 9.82
CA GLU A 58 -0.35 5.30 10.06
C GLU A 58 0.47 4.92 8.84
N LEU A 60 1.75 6.86 6.46
CA LEU A 60 2.90 7.74 6.26
C LEU A 60 3.98 7.48 7.30
N LYS A 61 3.58 7.28 8.55
CA LYS A 61 4.56 6.96 9.59
C LYS A 61 5.30 5.67 9.26
N ALA A 62 4.60 4.69 8.69
CA ALA A 62 5.24 3.42 8.35
C ALA A 62 6.24 3.60 7.21
N LEU A 63 5.88 4.38 6.19
CA LEU A 63 6.78 4.60 5.07
C LEU A 63 8.01 5.40 5.49
N GLU A 64 7.81 6.42 6.34
CA GLU A 64 8.95 7.19 6.84
C GLU A 64 9.87 6.34 7.70
N GLU A 65 9.29 5.48 8.53
CA GLU A 65 10.09 4.57 9.35
C GLU A 65 10.93 3.64 8.48
N ALA A 66 10.31 3.05 7.45
CA ALA A 66 11.04 2.16 6.55
C ALA A 66 12.15 2.91 5.81
N GLU A 67 11.89 4.16 5.43
CA GLU A 67 12.92 4.98 4.79
C GLU A 67 14.13 5.14 5.70
N GLN A 68 13.89 5.45 6.97
CA GLN A 68 15.00 5.59 7.92
C GLN A 68 15.82 4.31 7.99
N GLU A 69 15.16 3.15 7.90
CA GLU A 69 15.84 1.87 7.97
C GLU A 69 16.45 1.44 6.65
N ASN A 70 16.37 2.28 5.62
CA ASN A 70 16.92 1.96 4.30
C ASN A 70 16.21 0.74 3.69
N LEU A 71 14.89 0.70 3.83
CA LEU A 71 14.09 -0.38 3.28
C LEU A 71 13.14 0.17 2.23
N GLU A 72 12.92 -0.62 1.18
CA GLU A 72 11.94 -0.32 0.14
C GLU A 72 10.62 -0.98 0.47
N VAL A 73 9.54 -0.45 -0.10
CA VAL A 73 8.29 -1.19 -0.04
C VAL A 73 8.40 -2.29 -1.09
N VAL A 74 8.42 -3.54 -0.63
CA VAL A 74 8.44 -4.67 -1.55
C VAL A 74 7.03 -4.96 -2.03
N GLY A 75 6.05 -4.88 -1.13
CA GLY A 75 4.68 -5.17 -1.53
C GLY A 75 3.66 -4.66 -0.54
N ILE A 76 2.41 -4.86 -0.92
CA ILE A 76 1.25 -4.57 -0.10
C ILE A 76 0.55 -5.89 0.14
N PHE A 77 -0.01 -6.08 1.33
CA PHE A 77 -0.82 -7.25 1.58
C PHE A 77 -2.19 -6.84 2.11
N HIS A 78 -3.19 -7.63 1.75
CA HIS A 78 -4.52 -7.47 2.32
C HIS A 78 -5.27 -8.78 2.23
N SER A 79 -6.42 -8.83 2.89
CA SER A 79 -7.22 -10.05 2.96
C SER A 79 -8.52 -9.92 2.20
N HIS A 80 -9.01 -11.07 1.75
CA HIS A 80 -10.39 -11.25 1.34
C HIS A 80 -11.06 -12.16 2.36
N ILE A 81 -12.36 -11.97 2.54
CA ILE A 81 -13.15 -12.77 3.45
C ILE A 81 -14.12 -13.62 2.63
N ALA A 82 -13.99 -14.95 2.75
CA ALA A 82 -14.92 -15.89 2.17
C ALA A 82 -14.90 -15.88 0.64
N CYS A 83 -13.76 -15.54 0.05
CA CYS A 83 -13.56 -15.68 -1.39
C CYS A 83 -12.08 -15.87 -1.66
N PRO A 84 -11.72 -16.36 -2.84
CA PRO A 84 -10.32 -16.74 -3.09
C PRO A 84 -9.43 -15.52 -3.24
N PRO A 85 -8.01 -15.71 -3.03
CA PRO A 85 -7.07 -14.56 -3.02
C PRO A 85 -6.70 -14.10 -4.41
N ILE A 86 -7.70 -13.68 -5.17
CA ILE A 86 -7.53 -13.22 -6.55
C ILE A 86 -7.79 -11.72 -6.58
N PRO A 87 -6.98 -10.93 -7.28
CA PRO A 87 -7.23 -9.48 -7.32
C PRO A 87 -8.59 -9.15 -7.92
N SER A 88 -9.28 -8.21 -7.27
CA SER A 88 -10.54 -7.67 -7.77
C SER A 88 -10.28 -6.41 -8.60
N GLY A 89 -11.33 -5.93 -9.26
CA GLY A 89 -11.21 -4.68 -9.99
C GLY A 89 -10.88 -3.52 -9.07
N LYS A 90 -11.37 -3.57 -7.83
CA LYS A 90 -10.98 -2.57 -6.85
C LYS A 90 -9.48 -2.61 -6.59
N ASP A 91 -8.92 -3.82 -6.57
CA ASP A 91 -7.47 -3.95 -6.37
C ASP A 91 -6.71 -3.39 -7.55
N LEU A 92 -7.29 -3.46 -8.75
CA LEU A 92 -6.60 -3.00 -9.95
C LEU A 92 -6.21 -1.53 -9.83
N GLU A 93 -7.12 -0.69 -9.34
CA GLU A 93 -6.85 0.73 -9.26
C GLU A 93 -5.78 1.04 -8.22
N GLY A 94 -5.82 0.36 -7.07
CA GLY A 94 -4.78 0.55 -6.07
C GLY A 94 -3.42 0.06 -6.54
N LYS A 96 -2.32 0.32 -9.56
CA LYS A 96 -1.78 1.34 -10.44
C LYS A 96 -1.04 2.40 -9.65
N ARG A 97 -1.58 2.81 -8.51
CA ARG A 97 -0.95 3.84 -7.69
C ARG A 97 0.23 3.28 -6.90
N TRP A 98 0.19 2.00 -6.57
CA TRP A 98 1.25 1.33 -5.81
C TRP A 98 1.65 0.07 -6.57
N PRO A 99 2.38 0.23 -7.69
CA PRO A 99 2.69 -0.93 -8.57
C PRO A 99 3.83 -1.78 -8.04
N VAL A 100 3.59 -2.41 -6.90
CA VAL A 100 4.51 -3.37 -6.30
C VAL A 100 3.81 -4.72 -6.24
N ILE A 101 4.40 -5.68 -5.52
CA ILE A 101 3.77 -6.98 -5.37
C ILE A 101 2.60 -6.86 -4.41
N TRP A 102 1.46 -7.42 -4.80
CA TRP A 102 0.26 -7.45 -3.96
C TRP A 102 0.03 -8.88 -3.50
N LEU A 103 0.21 -9.12 -2.20
CA LEU A 103 -0.06 -10.39 -1.55
C LEU A 103 -1.50 -10.39 -1.06
N ILE A 104 -2.30 -11.36 -1.52
CA ILE A 104 -3.68 -11.48 -1.07
C ILE A 104 -3.85 -12.81 -0.35
N VAL A 105 -4.53 -12.75 0.80
CA VAL A 105 -4.77 -13.90 1.67
C VAL A 105 -6.24 -13.88 2.08
N ASN A 106 -6.71 -15.02 2.57
CA ASN A 106 -8.07 -15.08 3.12
C ASN A 106 -8.05 -15.87 4.43
N GLU A 107 -9.23 -15.98 5.04
CA GLU A 107 -9.37 -16.55 6.38
C GLU A 107 -9.20 -18.07 6.39
N LYS A 108 -9.17 -18.70 5.22
CA LYS A 108 -8.97 -20.14 5.13
C LYS A 108 -7.50 -20.50 4.97
N GLY A 109 -6.60 -19.51 4.99
CA GLY A 109 -5.18 -19.77 4.86
C GLY A 109 -4.66 -19.77 3.45
N GLU A 110 -5.48 -19.41 2.46
CA GLU A 110 -5.02 -19.35 1.08
C GLU A 110 -4.29 -18.05 0.84
N TYR A 111 -3.25 -18.09 0.00
CA TYR A 111 -2.52 -16.88 -0.33
C TYR A 111 -1.95 -16.98 -1.74
N LYS A 112 -2.01 -15.86 -2.46
CA LYS A 112 -1.40 -15.73 -3.76
C LYS A 112 -0.89 -14.31 -3.90
N ALA A 113 0.10 -14.13 -4.77
CA ALA A 113 0.73 -12.83 -5.00
C ALA A 113 0.62 -12.45 -6.47
N TRP A 114 0.55 -11.15 -6.72
CA TRP A 114 0.20 -10.60 -8.02
C TRP A 114 0.99 -9.32 -8.27
N ILE A 115 1.18 -8.99 -9.55
CA ILE A 115 1.87 -7.77 -9.95
C ILE A 115 1.21 -7.20 -11.19
N LEU A 116 1.24 -5.87 -11.29
CA LEU A 116 0.62 -5.13 -12.40
C LEU A 116 1.73 -4.54 -13.27
N SER A 117 1.80 -4.99 -14.52
CA SER A 117 2.84 -4.53 -15.43
C SER A 117 2.55 -3.11 -15.89
N GLU A 118 3.47 -2.57 -16.68
CA GLU A 118 3.27 -1.23 -17.24
C GLU A 118 2.13 -1.21 -18.25
N LYS A 119 1.85 -2.35 -18.89
CA LYS A 119 0.69 -2.46 -19.76
C LYS A 119 -0.61 -2.65 -18.98
N ASN A 120 -0.58 -2.47 -17.66
CA ASN A 120 -1.76 -2.61 -16.82
C ASN A 120 -2.39 -3.99 -16.97
N LYS A 121 -1.56 -5.01 -17.05
CA LYS A 121 -1.98 -6.40 -17.04
C LYS A 121 -1.46 -7.07 -15.79
N ILE A 122 -2.33 -7.82 -15.12
CA ILE A 122 -2.00 -8.53 -13.89
C ILE A 122 -1.43 -9.90 -14.24
N SER A 123 -0.39 -10.30 -13.52
CA SER A 123 0.14 -11.65 -13.62
C SER A 123 0.43 -12.17 -12.21
N GLU A 124 0.26 -13.47 -12.03
CA GLU A 124 0.56 -14.07 -10.74
C GLU A 124 2.06 -14.22 -10.59
N VAL A 125 2.53 -14.06 -9.36
CA VAL A 125 3.95 -14.20 -9.05
C VAL A 125 4.12 -15.33 -8.05
N LYS A 126 5.21 -16.09 -8.21
CA LYS A 126 5.47 -17.21 -7.35
C LYS A 126 5.93 -16.72 -5.98
N ILE A 127 5.61 -17.51 -4.95
CA ILE A 127 5.98 -17.19 -3.57
C ILE A 127 6.90 -18.28 -3.07
N VAL A 128 8.03 -17.85 -2.50
CA VAL A 128 8.93 -18.74 -1.78
C VAL A 128 8.84 -18.36 -0.31
N VAL A 129 8.43 -19.31 0.52
CA VAL A 129 8.33 -19.09 1.95
C VAL A 129 9.66 -19.48 2.57
N GLU A 130 10.37 -18.48 3.11
CA GLU A 130 11.72 -18.65 3.64
C GLU A 130 11.67 -19.01 5.12
N LYS B 5 8.33 20.21 -8.72
CA LYS B 5 8.35 20.25 -7.27
C LYS B 5 7.26 19.37 -6.68
N VAL B 6 6.80 18.39 -7.45
CA VAL B 6 5.69 17.53 -7.08
C VAL B 6 6.10 16.09 -7.33
N LYS B 7 6.34 15.35 -6.25
CA LYS B 7 6.67 13.93 -6.33
C LYS B 7 5.50 13.13 -5.78
N VAL B 8 4.93 12.27 -6.61
CA VAL B 8 3.94 11.29 -6.18
C VAL B 8 4.69 9.99 -5.90
N ILE B 9 4.57 9.48 -4.68
CA ILE B 9 5.29 8.26 -4.31
C ILE B 9 4.40 7.07 -4.68
N GLY B 10 4.99 5.87 -4.67
CA GLY B 10 4.32 4.71 -5.21
C GLY B 10 4.78 4.45 -6.62
N ARG B 11 4.30 5.26 -7.57
CA ARG B 11 4.89 5.29 -8.90
C ARG B 11 6.21 6.04 -8.92
N ASN B 12 6.45 6.91 -7.94
CA ASN B 12 7.71 7.64 -7.80
C ASN B 12 8.00 8.46 -9.05
N ILE B 13 7.08 9.37 -9.35
CA ILE B 13 7.19 10.30 -10.47
C ILE B 13 7.38 11.71 -9.91
N GLU B 14 8.21 12.51 -10.58
CA GLU B 14 8.50 13.86 -10.12
C GLU B 14 8.10 14.87 -11.19
N LYS B 24 -3.27 26.67 -2.55
CA LYS B 24 -3.24 25.79 -1.40
C LYS B 24 -3.01 24.37 -1.87
N VAL B 25 -2.83 23.45 -0.91
CA VAL B 25 -2.43 22.10 -1.27
C VAL B 25 -3.58 21.33 -1.91
N ARG B 26 -4.82 21.78 -1.73
CA ARG B 26 -5.95 21.10 -2.37
C ARG B 26 -5.84 21.14 -3.88
N ASP B 27 -5.31 22.23 -4.44
CA ASP B 27 -5.22 22.37 -5.89
C ASP B 27 -4.07 21.57 -6.46
N ILE B 28 -2.94 21.52 -5.75
CA ILE B 28 -1.80 20.73 -6.21
C ILE B 28 -2.12 19.25 -6.18
N LEU B 29 -3.00 18.82 -5.28
CA LEU B 29 -3.45 17.42 -5.28
C LEU B 29 -4.36 17.14 -6.46
N ARG B 30 -5.33 18.02 -6.71
CA ARG B 30 -6.18 17.86 -7.88
C ARG B 30 -5.42 18.04 -9.18
N ALA B 31 -4.33 18.82 -9.16
CA ALA B 31 -3.53 19.01 -10.35
C ALA B 31 -2.78 17.75 -10.76
N VAL B 32 -2.53 16.84 -9.83
CA VAL B 32 -1.77 15.62 -10.10
C VAL B 32 -2.65 14.39 -10.11
N GLY B 33 -3.95 14.53 -9.84
CA GLY B 33 -4.90 13.46 -9.99
C GLY B 33 -5.49 12.87 -8.71
N PHE B 34 -5.50 13.62 -7.61
CA PHE B 34 -6.00 13.11 -6.34
C PHE B 34 -6.86 14.18 -5.67
N ASN B 35 -7.47 13.81 -4.56
CA ASN B 35 -8.18 14.72 -3.67
C ASN B 35 -7.72 14.47 -2.25
N THR B 36 -8.31 15.21 -1.30
CA THR B 36 -7.87 15.12 0.09
C THR B 36 -8.13 13.74 0.68
N GLU B 37 -9.18 13.05 0.22
CA GLU B 37 -9.53 11.76 0.79
C GLU B 37 -8.72 10.62 0.22
N SER B 38 -8.11 10.79 -0.95
CA SER B 38 -7.39 9.71 -1.62
C SER B 38 -5.88 9.85 -1.56
N ALA B 39 -5.36 10.96 -1.04
CA ALA B 39 -3.92 11.14 -0.90
C ALA B 39 -3.64 12.02 0.31
N ILE B 40 -2.44 11.88 0.86
CA ILE B 40 -1.95 12.74 1.91
C ILE B 40 -0.69 13.43 1.41
N ALA B 41 -0.54 14.71 1.76
CA ALA B 41 0.53 15.53 1.24
C ALA B 41 1.43 16.01 2.37
N LYS B 42 2.70 16.22 2.05
CA LYS B 42 3.65 16.80 2.99
C LYS B 42 4.53 17.77 2.23
N VAL B 43 4.70 18.97 2.80
CA VAL B 43 5.43 20.06 2.15
C VAL B 43 6.74 20.28 2.90
N ASN B 44 7.84 20.35 2.16
CA ASN B 44 9.17 20.51 2.75
C ASN B 44 9.41 19.47 3.83
N GLY B 45 8.82 18.28 3.67
CA GLY B 45 8.97 17.23 4.66
C GLY B 45 8.02 17.33 5.83
N LYS B 46 6.91 18.04 5.71
CA LYS B 46 5.98 18.24 6.80
C LYS B 46 4.56 18.08 6.30
N VAL B 47 3.73 17.38 7.09
CA VAL B 47 2.35 17.13 6.72
C VAL B 47 1.58 18.45 6.68
N VAL B 48 0.64 18.56 5.73
CA VAL B 48 -0.14 19.77 5.54
C VAL B 48 -1.58 19.37 5.20
N LEU B 49 -2.52 20.26 5.52
CA LEU B 49 -3.93 20.01 5.25
C LEU B 49 -4.33 20.62 3.91
N GLU B 50 -5.61 20.47 3.55
CA GLU B 50 -6.03 20.66 2.17
C GLU B 50 -5.95 22.14 1.76
N ASP B 51 -6.37 23.05 2.63
CA ASP B 51 -6.37 24.47 2.30
C ASP B 51 -5.15 25.18 2.88
N ASP B 52 -4.13 24.44 3.29
CA ASP B 52 -2.89 25.06 3.73
C ASP B 52 -2.20 25.73 2.55
N GLU B 53 -1.65 26.91 2.80
CA GLU B 53 -1.07 27.72 1.73
C GLU B 53 0.23 27.12 1.24
N VAL B 54 0.38 27.01 -0.08
CA VAL B 54 1.59 26.54 -0.73
C VAL B 54 2.41 27.75 -1.15
N LYS B 55 3.72 27.69 -0.94
CA LYS B 55 4.63 28.76 -1.33
C LYS B 55 5.36 28.37 -2.61
N ASP B 56 6.10 29.34 -3.17
CA ASP B 56 6.63 29.19 -4.52
C ASP B 56 7.79 28.22 -4.59
N GLY B 57 8.60 28.12 -3.54
CA GLY B 57 9.82 27.35 -3.62
C GLY B 57 9.84 26.09 -2.76
N ASP B 58 8.67 25.63 -2.33
CA ASP B 58 8.60 24.50 -1.41
C ASP B 58 8.49 23.18 -2.17
N PHE B 59 8.81 22.10 -1.47
CA PHE B 59 8.89 20.76 -2.03
C PHE B 59 7.76 19.91 -1.47
N VAL B 60 6.97 19.32 -2.37
CA VAL B 60 5.75 18.61 -2.00
C VAL B 60 5.88 17.15 -2.40
N GLU B 61 5.42 16.26 -1.51
CA GLU B 61 5.28 14.85 -1.80
C GLU B 61 3.81 14.47 -1.66
N VAL B 62 3.29 13.78 -2.67
CA VAL B 62 1.90 13.30 -2.66
C VAL B 62 1.94 11.79 -2.43
N ILE B 63 1.21 11.35 -1.43
CA ILE B 63 1.23 9.96 -0.98
C ILE B 63 -0.15 9.36 -1.22
N PRO B 64 -0.33 8.58 -2.29
CA PRO B 64 -1.64 7.98 -2.54
C PRO B 64 -2.01 7.01 -1.43
N VAL B 65 -3.25 7.12 -0.95
CA VAL B 65 -3.74 6.23 0.09
C VAL B 65 -4.00 4.86 -0.51
N VAL B 66 -3.35 3.83 0.04
CA VAL B 66 -3.51 2.48 -0.48
C VAL B 66 -4.91 1.99 -0.19
N SER B 67 -5.58 1.47 -1.23
CA SER B 67 -6.96 1.05 -1.09
C SER B 67 -7.26 -0.11 -2.03
N GLY B 68 -8.34 -0.82 -1.73
CA GLY B 68 -8.73 -1.97 -2.53
C GLY B 68 -9.91 -2.68 -1.90
N GLY B 69 -10.00 -3.97 -2.18
CA GLY B 69 -11.07 -4.78 -1.63
C GLY B 69 -10.99 -6.24 -1.98
#